data_2QUF
#
_entry.id   2QUF
#
_cell.length_a   39.747
_cell.length_b   93.484
_cell.length_c   71.062
_cell.angle_alpha   90.00
_cell.angle_beta   102.44
_cell.angle_gamma   90.00
#
_symmetry.space_group_name_H-M   'P 1 21 1'
#
loop_
_entity.id
_entity.type
_entity.pdbx_description
1 polymer 'Transcription Factor PF0095'
2 non-polymer GLYCEROL
3 water water
#
_entity_poly.entity_id   1
_entity_poly.type   'polypeptide(L)'
_entity_poly.pdbx_seq_one_letter_code
;MEPDLFYILGNKVRRDLLSHLTAMEAYFSLLSSKVSVSSTAVAKHLKIMEREGVLQSYEKEERFIGPTKKYYKISIAKSY
VFTLTPEMFWYKGLDLGDAELRDFEISLSGLDTEPSTLKEMITDFIKANKELEKVLEAFKTIESYRSSLMRKIKEAYLKE
IGDMTQLAILHYLLLNGRATVEELSDRLNLKEREVREKISEMARFVPVKIINDNTVVLDEDQILRGEGNEED
;
_entity_poly.pdbx_strand_id   A,B
#
# COMPACT_ATOMS: atom_id res chain seq x y z
N GLU A 2 -14.01 2.98 4.67
CA GLU A 2 -14.68 4.06 5.47
C GLU A 2 -13.66 5.01 6.15
N PRO A 3 -12.76 4.48 7.00
CA PRO A 3 -11.77 5.38 7.60
C PRO A 3 -10.72 5.84 6.58
N ASP A 4 -10.39 7.13 6.64
CA ASP A 4 -9.45 7.73 5.69
C ASP A 4 -8.01 7.52 6.14
N LEU A 5 -7.41 6.40 5.72
CA LEU A 5 -6.06 6.03 6.14
C LEU A 5 -4.94 6.86 5.55
N PHE A 6 -5.10 7.32 4.31
CA PHE A 6 -4.14 8.24 3.71
C PHE A 6 -4.01 9.51 4.56
N TYR A 7 -5.14 10.02 5.02
CA TYR A 7 -5.19 11.19 5.91
C TYR A 7 -4.51 10.95 7.26
N ILE A 8 -4.76 9.78 7.86
CA ILE A 8 -4.13 9.38 9.13
C ILE A 8 -2.62 9.27 8.99
N LEU A 9 -2.18 8.57 7.94
CA LEU A 9 -0.75 8.32 7.72
C LEU A 9 -0.01 9.54 7.15
N GLY A 10 -0.76 10.56 6.72
CA GLY A 10 -0.17 11.81 6.23
C GLY A 10 0.71 12.54 7.22
N ASN A 11 0.34 12.43 8.51
CA ASN A 11 1.11 13.06 9.58
C ASN A 11 2.16 12.11 10.16
N LYS A 12 3.39 12.60 10.27
CA LYS A 12 4.54 11.81 10.71
C LYS A 12 4.48 11.44 12.20
N VAL A 13 3.80 12.26 12.98
CA VAL A 13 3.63 12.00 14.42
C VAL A 13 2.69 10.80 14.62
N ARG A 14 1.55 10.82 13.94
CA ARG A 14 0.63 9.68 13.94
C ARG A 14 1.35 8.39 13.53
N ARG A 15 2.03 8.44 12.39
CA ARG A 15 2.83 7.30 11.91
C ARG A 15 3.72 6.72 13.00
N ASP A 16 4.35 7.61 13.78
CA ASP A 16 5.19 7.19 14.89
C ASP A 16 4.36 6.63 16.04
N LEU A 17 3.27 7.32 16.38
CA LEU A 17 2.34 6.84 17.41
C LEU A 17 1.82 5.45 17.11
N LEU A 18 1.51 5.20 15.83
CA LEU A 18 1.04 3.88 15.41
C LEU A 18 2.14 2.83 15.49
N SER A 19 3.36 3.22 15.13
CA SER A 19 4.51 2.31 15.19
C SER A 19 4.73 1.72 16.57
N HIS A 20 4.33 2.48 17.60
CA HIS A 20 4.50 2.05 18.98
C HIS A 20 3.27 1.37 19.56
N LEU A 21 2.08 1.80 19.15
CA LEU A 21 0.84 1.17 19.58
C LEU A 21 0.73 -0.25 19.04
N THR A 22 1.46 -0.51 17.96
CA THR A 22 1.51 -1.84 17.35
C THR A 22 2.58 -2.74 17.99
N ALA A 23 3.64 -2.13 18.50
CA ALA A 23 4.71 -2.86 19.21
C ALA A 23 4.19 -3.42 20.54
N MET A 24 3.46 -2.59 21.26
CA MET A 24 2.55 -2.95 22.36
C MET A 24 2.31 -1.79 23.35
N GLU A 25 2.18 -2.12 24.64
CA GLU A 25 1.64 -1.22 25.68
C GLU A 25 0.16 -0.86 25.37
N ALA A 26 -0.30 0.41 25.34
CA ALA A 26 0.46 1.66 25.48
C ALA A 26 -0.42 2.77 26.08
N TYR A 27 0.20 3.87 26.48
CA TYR A 27 -0.37 5.06 27.09
C TYR A 27 0.55 5.62 28.18
N PHE A 28 0.65 6.90 28.40
CA PHE A 28 0.08 7.94 27.55
C PHE A 28 1.13 9.01 27.20
N SER A 29 1.98 9.50 28.13
CA SER A 29 2.48 8.91 29.42
C SER A 29 3.74 8.05 29.21
N LEU A 30 3.59 6.82 28.73
CA LEU A 30 4.70 6.11 28.11
C LEU A 30 4.59 6.13 26.58
N LEU A 31 3.50 6.80 26.10
CA LEU A 31 3.26 6.95 24.67
C LEU A 31 3.86 8.28 24.17
N SER A 32 3.45 9.38 24.79
CA SER A 32 4.05 10.70 24.50
C SER A 32 5.49 10.78 25.02
N SER A 33 5.82 9.86 25.93
CA SER A 33 7.19 9.64 26.38
C SER A 33 8.04 9.04 25.26
N LYS A 34 7.52 7.99 24.62
CA LYS A 34 8.26 7.24 23.60
C LYS A 34 8.28 7.91 22.22
N VAL A 35 8.05 9.23 22.20
CA VAL A 35 8.18 10.03 20.98
C VAL A 35 8.58 11.47 21.34
N SER A 36 9.28 12.13 20.41
CA SER A 36 9.85 13.46 20.67
C SER A 36 9.02 14.64 20.16
N VAL A 37 7.74 14.65 20.52
CA VAL A 37 6.85 15.79 20.29
C VAL A 37 6.01 15.99 21.56
N SER A 38 5.49 17.21 21.75
CA SER A 38 4.78 17.59 22.98
C SER A 38 3.49 16.81 23.22
N SER A 39 3.12 16.68 24.50
CA SER A 39 1.97 15.89 24.95
C SER A 39 0.62 16.48 24.55
N THR A 40 0.61 17.78 24.23
CA THR A 40 -0.61 18.44 23.74
C THR A 40 -0.92 18.05 22.28
N ALA A 41 0.12 17.86 21.49
CA ALA A 41 -0.01 17.40 20.11
C ALA A 41 -0.39 15.92 20.07
N VAL A 42 0.23 15.15 20.96
CA VAL A 42 -0.07 13.73 21.12
C VAL A 42 -1.53 13.53 21.48
N ALA A 43 -2.01 14.31 22.46
CA ALA A 43 -3.42 14.31 22.82
C ALA A 43 -4.31 14.66 21.63
N LYS A 44 -3.85 15.59 20.79
CA LYS A 44 -4.59 15.99 19.60
C LYS A 44 -4.74 14.85 18.59
N HIS A 45 -3.62 14.24 18.21
CA HIS A 45 -3.61 13.17 17.21
C HIS A 45 -4.41 11.94 17.59
N LEU A 46 -4.38 11.58 18.88
CA LEU A 46 -5.12 10.44 19.38
C LEU A 46 -6.63 10.62 19.24
N LYS A 47 -7.11 11.84 19.45
CA LYS A 47 -8.53 12.15 19.30
C LYS A 47 -8.94 12.06 17.83
N ILE A 48 -8.05 12.49 16.95
CA ILE A 48 -8.26 12.43 15.51
C ILE A 48 -8.38 10.98 15.04
N MET A 49 -7.45 10.15 15.51
CA MET A 49 -7.43 8.72 15.20
C MET A 49 -8.65 7.97 15.76
N GLU A 50 -9.03 8.29 17.00
CA GLU A 50 -10.22 7.68 17.60
C GLU A 50 -11.49 8.16 16.90
N ARG A 51 -11.57 9.47 16.62
CA ARG A 51 -12.66 10.04 15.86
C ARG A 51 -12.83 9.26 14.55
N GLU A 52 -11.71 9.07 13.85
CA GLU A 52 -11.69 8.39 12.55
C GLU A 52 -12.03 6.90 12.62
N GLY A 53 -12.03 6.33 13.82
CA GLY A 53 -12.35 4.91 14.01
C GLY A 53 -11.18 3.98 13.71
N VAL A 54 -9.98 4.45 14.04
CA VAL A 54 -8.73 3.71 13.81
C VAL A 54 -8.11 3.33 15.15
N LEU A 55 -8.45 4.09 16.19
CA LEU A 55 -8.06 3.76 17.56
C LEU A 55 -9.26 3.53 18.47
N GLN A 56 -9.02 2.78 19.53
CA GLN A 56 -9.98 2.58 20.61
C GLN A 56 -9.27 2.66 21.96
N SER A 57 -9.96 3.20 22.96
CA SER A 57 -9.43 3.29 24.30
C SER A 57 -10.27 2.46 25.28
N TYR A 58 -9.67 2.05 26.39
CA TYR A 58 -10.35 1.21 27.39
C TYR A 58 -9.62 1.19 28.73
N GLU A 59 -10.39 1.25 29.82
CA GLU A 59 -9.84 1.09 31.17
C GLU A 59 -9.60 -0.39 31.46
N LYS A 69 -6.19 4.03 34.35
CA LYS A 69 -5.34 4.03 33.17
C LYS A 69 -6.12 3.87 31.87
N LYS A 70 -5.76 4.68 30.87
CA LYS A 70 -6.43 4.69 29.59
C LYS A 70 -5.51 4.08 28.52
N TYR A 71 -5.76 2.82 28.17
CA TYR A 71 -5.00 2.11 27.14
C TYR A 71 -5.58 2.37 25.75
N TYR A 72 -4.71 2.60 24.77
CA TYR A 72 -5.14 2.78 23.38
C TYR A 72 -4.70 1.60 22.54
N LYS A 73 -5.58 1.19 21.62
CA LYS A 73 -5.28 0.10 20.70
C LYS A 73 -5.89 0.34 19.32
N ILE A 74 -5.20 -0.13 18.30
CA ILE A 74 -5.68 -0.04 16.92
C ILE A 74 -6.92 -0.91 16.72
N SER A 75 -7.95 -0.35 16.09
CA SER A 75 -9.24 -1.01 15.96
C SER A 75 -9.63 -1.40 14.52
N ILE A 76 -8.64 -1.48 13.64
CA ILE A 76 -8.86 -1.94 12.27
C ILE A 76 -7.77 -2.91 11.83
N ALA A 77 -8.04 -3.64 10.75
CA ALA A 77 -7.05 -4.53 10.14
C ALA A 77 -7.15 -4.45 8.62
N LYS A 78 -6.47 -3.46 8.05
CA LYS A 78 -6.47 -3.24 6.61
C LYS A 78 -5.06 -3.14 6.03
N SER A 79 -4.87 -3.77 4.88
CA SER A 79 -3.69 -3.52 4.05
C SER A 79 -4.05 -2.63 2.85
N TYR A 80 -3.10 -1.82 2.41
CA TYR A 80 -3.31 -0.92 1.30
C TYR A 80 -2.20 -1.02 0.26
N VAL A 81 -2.57 -0.70 -0.97
CA VAL A 81 -1.67 -0.74 -2.10
C VAL A 81 -1.96 0.47 -2.95
N PHE A 82 -0.92 1.18 -3.35
CA PHE A 82 -1.04 2.26 -4.34
C PHE A 82 0.13 2.34 -5.32
N THR A 83 -0.12 2.94 -6.47
CA THR A 83 0.89 3.15 -7.49
C THR A 83 0.82 4.58 -8.01
N LEU A 84 1.97 5.19 -8.19
CA LEU A 84 2.05 6.55 -8.72
C LEU A 84 3.17 6.65 -9.75
N THR A 85 2.78 6.68 -11.02
CA THR A 85 3.70 6.84 -12.14
C THR A 85 3.15 7.89 -13.08
N PRO A 86 3.95 8.34 -14.06
CA PRO A 86 3.41 9.41 -14.90
C PRO A 86 2.17 8.98 -15.68
N GLU A 87 1.99 7.67 -15.84
CA GLU A 87 0.86 7.11 -16.59
C GLU A 87 -0.39 6.83 -15.76
N MET A 88 -0.20 6.46 -14.49
CA MET A 88 -1.29 5.93 -13.66
C MET A 88 -1.17 6.29 -12.19
N PHE A 89 -2.33 6.52 -11.56
CA PHE A 89 -2.44 6.59 -10.11
C PHE A 89 -3.68 5.87 -9.60
N TRP A 90 -3.48 4.86 -8.77
CA TRP A 90 -4.60 4.11 -8.19
C TRP A 90 -4.24 3.60 -6.81
N TYR A 91 -5.26 3.33 -6.02
CA TYR A 91 -5.10 2.63 -4.76
C TYR A 91 -6.25 1.66 -4.50
N LYS A 92 -5.96 0.60 -3.74
CA LYS A 92 -6.97 -0.37 -3.35
C LYS A 92 -6.78 -0.73 -1.88
N GLY A 93 -7.86 -0.63 -1.10
CA GLY A 93 -7.85 -1.05 0.30
C GLY A 93 -8.18 -2.52 0.41
N LEU A 94 -7.55 -3.20 1.36
CA LEU A 94 -7.78 -4.63 1.56
C LEU A 94 -8.03 -4.94 3.03
N ASP A 95 -9.23 -5.47 3.32
CA ASP A 95 -9.58 -5.92 4.67
C ASP A 95 -8.87 -7.23 4.99
N LEU A 96 -8.25 -7.30 6.16
CA LEU A 96 -7.55 -8.51 6.59
C LEU A 96 -8.40 -9.36 7.56
N GLY A 97 -7.87 -10.51 7.96
CA GLY A 97 -8.54 -11.36 8.93
C GLY A 97 -8.71 -12.81 8.51
N ASP A 98 -9.73 -13.08 7.70
CA ASP A 98 -10.11 -14.44 7.34
C ASP A 98 -9.20 -15.08 6.28
N ALA A 99 -8.01 -15.49 6.73
CA ALA A 99 -6.97 -16.03 5.86
C ALA A 99 -7.23 -17.48 5.46
N GLU A 100 -7.46 -17.70 4.17
CA GLU A 100 -7.44 -19.05 3.60
C GLU A 100 -6.06 -19.24 2.99
N LEU A 101 -5.21 -20.00 3.66
CA LEU A 101 -3.89 -20.31 3.15
C LEU A 101 -4.00 -21.14 1.88
N ARG A 102 -3.79 -20.49 0.75
CA ARG A 102 -3.82 -21.13 -0.56
C ARG A 102 -2.57 -20.77 -1.36
N ASP A 103 -2.47 -21.28 -2.60
CA ASP A 103 -1.32 -21.00 -3.44
C ASP A 103 -1.67 -20.15 -4.64
N PHE A 104 -0.71 -19.37 -5.10
CA PHE A 104 -0.91 -18.49 -6.23
C PHE A 104 0.22 -18.67 -7.22
N GLU A 105 -0.13 -18.86 -8.48
CA GLU A 105 0.83 -18.91 -9.57
C GLU A 105 0.72 -17.60 -10.34
N ILE A 106 1.85 -16.90 -10.47
CA ILE A 106 1.85 -15.57 -11.11
C ILE A 106 2.56 -15.57 -12.46
N SER A 107 1.81 -15.89 -13.51
CA SER A 107 2.35 -15.96 -14.87
C SER A 107 2.55 -14.57 -15.45
N LEU A 108 3.80 -14.10 -15.43
CA LEU A 108 4.12 -12.80 -16.02
C LEU A 108 4.87 -12.94 -17.34
N SER A 109 5.51 -14.09 -17.53
CA SER A 109 6.02 -14.49 -18.83
C SER A 109 4.90 -15.25 -19.54
N GLY A 110 4.77 -15.06 -20.85
CA GLY A 110 5.52 -14.06 -21.58
C GLY A 110 4.52 -13.03 -22.07
N LEU A 111 3.98 -12.25 -21.13
CA LEU A 111 3.03 -11.18 -21.44
C LEU A 111 3.64 -10.30 -22.54
N ASP A 112 2.82 -9.94 -23.52
CA ASP A 112 3.30 -9.25 -24.71
C ASP A 112 4.01 -7.94 -24.35
N THR A 113 5.33 -7.98 -24.47
CA THR A 113 6.18 -6.83 -24.22
C THR A 113 6.11 -5.85 -25.38
N GLU A 114 5.76 -6.37 -26.57
CA GLU A 114 5.63 -5.54 -27.77
C GLU A 114 4.38 -5.85 -28.61
N PRO A 115 3.19 -5.43 -28.15
CA PRO A 115 2.03 -5.40 -29.04
C PRO A 115 1.99 -4.09 -29.83
N SER A 116 1.72 -4.18 -31.13
CA SER A 116 1.81 -3.02 -32.01
C SER A 116 0.49 -2.26 -32.16
N THR A 117 -0.60 -2.85 -31.70
CA THR A 117 -1.94 -2.29 -31.89
C THR A 117 -2.83 -2.35 -30.65
N LEU A 118 -3.80 -1.43 -30.60
CA LEU A 118 -4.81 -1.35 -29.54
C LEU A 118 -5.66 -2.61 -29.49
N LYS A 119 -6.56 -2.68 -28.51
CA LYS A 119 -7.40 -3.86 -28.23
C LYS A 119 -6.58 -5.10 -27.85
N GLU A 120 -5.44 -5.27 -28.51
CA GLU A 120 -4.45 -6.28 -28.13
C GLU A 120 -3.65 -5.74 -26.95
N MET A 121 -3.53 -4.42 -26.89
CA MET A 121 -2.93 -3.76 -25.74
C MET A 121 -3.90 -3.78 -24.56
N ILE A 122 -5.19 -3.68 -24.87
CA ILE A 122 -6.23 -3.83 -23.87
C ILE A 122 -6.27 -5.29 -23.39
N THR A 123 -6.01 -6.22 -24.31
CA THR A 123 -5.96 -7.64 -23.99
C THR A 123 -4.91 -7.97 -22.93
N ASP A 124 -3.68 -7.50 -23.14
CA ASP A 124 -2.58 -7.77 -22.23
C ASP A 124 -2.77 -7.10 -20.88
N PHE A 125 -3.25 -5.86 -20.90
CA PHE A 125 -3.45 -5.10 -19.68
C PHE A 125 -4.44 -5.83 -18.78
N ILE A 126 -5.46 -6.45 -19.38
CA ILE A 126 -6.38 -7.29 -18.63
C ILE A 126 -5.67 -8.54 -18.11
N LYS A 127 -4.94 -9.23 -18.99
CA LYS A 127 -4.13 -10.37 -18.58
C LYS A 127 -3.22 -10.01 -17.40
N ALA A 128 -2.72 -8.77 -17.38
CA ALA A 128 -1.89 -8.28 -16.29
C ALA A 128 -2.73 -8.05 -15.03
N ASN A 129 -3.92 -7.50 -15.22
CA ASN A 129 -4.85 -7.26 -14.12
C ASN A 129 -5.25 -8.55 -13.42
N LYS A 130 -5.40 -9.62 -14.18
CA LYS A 130 -5.76 -10.94 -13.65
C LYS A 130 -4.67 -11.51 -12.75
N GLU A 131 -3.41 -11.25 -13.11
CA GLU A 131 -2.27 -11.67 -12.31
C GLU A 131 -2.08 -10.75 -11.11
N LEU A 132 -2.44 -9.47 -11.28
CA LEU A 132 -2.37 -8.48 -10.19
C LEU A 132 -3.43 -8.76 -9.11
N GLU A 133 -4.60 -9.22 -9.54
CA GLU A 133 -5.67 -9.60 -8.61
C GLU A 133 -5.25 -10.77 -7.73
N LYS A 134 -4.34 -11.60 -8.23
CA LYS A 134 -3.79 -12.72 -7.46
C LYS A 134 -2.77 -12.23 -6.44
N VAL A 135 -1.90 -11.33 -6.89
CA VAL A 135 -0.89 -10.69 -6.05
C VAL A 135 -1.56 -10.00 -4.87
N LEU A 136 -2.64 -9.28 -5.15
CA LEU A 136 -3.41 -8.62 -4.11
C LEU A 136 -4.03 -9.61 -3.15
N GLU A 137 -4.50 -10.74 -3.67
CA GLU A 137 -5.02 -11.82 -2.84
C GLU A 137 -3.93 -12.42 -1.97
N ALA A 138 -2.80 -12.76 -2.58
CA ALA A 138 -1.65 -13.28 -1.86
C ALA A 138 -1.25 -12.34 -0.73
N PHE A 139 -1.11 -11.05 -1.05
CA PHE A 139 -0.76 -10.03 -0.06
C PHE A 139 -1.76 -9.99 1.08
N LYS A 140 -3.06 -9.97 0.74
CA LYS A 140 -4.13 -10.01 1.74
C LYS A 140 -3.99 -11.23 2.65
N THR A 141 -3.64 -12.37 2.05
CA THR A 141 -3.50 -13.64 2.76
C THR A 141 -2.31 -13.69 3.73
N ILE A 142 -1.14 -13.25 3.27
CA ILE A 142 0.07 -13.29 4.10
C ILE A 142 -0.05 -12.32 5.28
N GLU A 143 -0.66 -11.17 5.02
CA GLU A 143 -0.81 -10.14 6.03
C GLU A 143 -1.85 -10.50 7.09
N SER A 144 -2.89 -11.23 6.68
CA SER A 144 -3.81 -11.84 7.63
C SER A 144 -3.07 -12.83 8.53
N TYR A 145 -2.14 -13.55 7.93
CA TYR A 145 -1.36 -14.59 8.58
C TYR A 145 -0.35 -14.00 9.55
N ARG A 146 0.39 -13.01 9.09
CA ARG A 146 1.44 -12.37 9.89
C ARG A 146 0.85 -11.63 11.09
N SER A 147 -0.36 -11.10 10.92
CA SER A 147 -1.03 -10.38 12.00
C SER A 147 -1.49 -11.31 13.12
N SER A 148 -2.02 -12.48 12.74
CA SER A 148 -2.44 -13.49 13.70
C SER A 148 -1.24 -14.10 14.42
N LEU A 149 -0.23 -14.48 13.64
CA LEU A 149 1.00 -15.05 14.17
C LEU A 149 1.75 -14.09 15.08
N MET A 150 1.70 -12.80 14.76
CA MET A 150 2.35 -11.78 15.59
C MET A 150 1.70 -11.71 16.97
N ARG A 151 0.38 -11.81 17.02
CA ARG A 151 -0.36 -11.89 18.29
C ARG A 151 0.15 -13.04 19.16
N LYS A 152 0.42 -14.18 18.52
CA LYS A 152 0.90 -15.37 19.21
C LYS A 152 2.34 -15.22 19.68
N ILE A 153 3.18 -14.61 18.84
CA ILE A 153 4.56 -14.27 19.22
C ILE A 153 4.56 -13.29 20.39
N LYS A 154 3.64 -12.32 20.35
CA LYS A 154 3.49 -11.35 21.45
C LYS A 154 3.04 -12.02 22.73
N GLU A 155 2.14 -13.00 22.60
CA GLU A 155 1.60 -13.74 23.74
C GLU A 155 2.64 -14.72 24.29
N ALA A 156 3.17 -15.57 23.42
CA ALA A 156 4.17 -16.56 23.80
C ALA A 156 5.38 -15.92 24.46
N TYR A 157 5.80 -14.76 23.94
CA TYR A 157 6.94 -14.06 24.52
C TYR A 157 6.68 -13.66 25.96
N LEU A 158 5.53 -13.05 26.22
CA LEU A 158 5.19 -12.57 27.57
C LEU A 158 5.03 -13.72 28.58
N LYS A 159 4.45 -14.83 28.13
CA LYS A 159 4.32 -16.02 28.96
C LYS A 159 5.69 -16.64 29.23
N GLU A 160 6.43 -16.93 28.16
CA GLU A 160 7.74 -17.58 28.27
C GLU A 160 8.80 -16.71 28.97
N ILE A 161 8.77 -15.40 28.71
CA ILE A 161 9.65 -14.41 29.38
C ILE A 161 9.08 -12.98 29.24
N GLY A 162 8.81 -12.33 30.38
CA GLY A 162 8.04 -11.09 30.36
C GLY A 162 8.76 -9.79 30.02
N ASP A 163 9.83 -9.86 29.23
CA ASP A 163 10.57 -8.64 28.88
C ASP A 163 9.96 -7.93 27.68
N MET A 164 9.45 -6.72 27.94
CA MET A 164 8.71 -5.97 26.94
C MET A 164 9.61 -5.43 25.84
N THR A 165 10.76 -4.86 26.23
CA THR A 165 11.71 -4.27 25.28
C THR A 165 12.45 -5.32 24.44
N GLN A 166 12.62 -6.52 24.97
CA GLN A 166 13.14 -7.64 24.20
C GLN A 166 12.17 -8.00 23.07
N LEU A 167 10.87 -7.99 23.38
CA LEU A 167 9.82 -8.26 22.42
C LEU A 167 9.70 -7.14 21.38
N ALA A 168 9.79 -5.90 21.86
CA ALA A 168 9.77 -4.71 20.99
C ALA A 168 10.84 -4.76 19.89
N ILE A 169 12.08 -5.07 20.28
CA ILE A 169 13.17 -5.28 19.33
C ILE A 169 12.83 -6.41 18.38
N LEU A 170 12.33 -7.51 18.93
CA LEU A 170 11.94 -8.67 18.13
C LEU A 170 10.81 -8.30 17.17
N HIS A 171 9.80 -7.60 17.70
CA HIS A 171 8.69 -7.07 16.91
C HIS A 171 9.23 -6.26 15.73
N TYR A 172 10.18 -5.37 16.02
CA TYR A 172 10.76 -4.50 14.99
C TYR A 172 11.55 -5.27 13.94
N LEU A 173 12.43 -6.17 14.38
CA LEU A 173 13.25 -6.96 13.45
C LEU A 173 12.42 -7.87 12.55
N LEU A 174 11.22 -8.22 12.98
CA LEU A 174 10.36 -9.12 12.22
C LEU A 174 9.70 -8.43 11.04
N LEU A 175 9.32 -7.17 11.23
CA LEU A 175 8.67 -6.35 10.20
C LEU A 175 9.68 -5.71 9.23
N ASN A 176 10.72 -5.11 9.78
CA ASN A 176 11.85 -4.60 9.01
C ASN A 176 13.05 -5.48 9.33
N GLY A 177 13.63 -6.09 8.29
CA GLY A 177 14.62 -7.16 8.48
C GLY A 177 15.88 -6.81 9.25
N ARG A 178 16.28 -5.54 9.19
CA ARG A 178 17.53 -5.09 9.79
C ARG A 178 17.35 -3.78 10.54
N ALA A 179 18.32 -3.49 11.42
CA ALA A 179 18.33 -2.24 12.18
C ALA A 179 19.72 -2.01 12.76
N THR A 180 20.07 -0.74 12.96
CA THR A 180 21.25 -0.40 13.73
C THR A 180 20.81 -0.21 15.17
N VAL A 181 21.76 -0.34 16.09
CA VAL A 181 21.50 -0.03 17.49
C VAL A 181 20.94 1.38 17.56
N GLU A 182 21.52 2.28 16.76
CA GLU A 182 21.07 3.66 16.62
C GLU A 182 19.57 3.78 16.32
N GLU A 183 19.14 3.13 15.23
CA GLU A 183 17.73 3.09 14.85
C GLU A 183 16.86 2.65 16.03
N LEU A 184 17.16 1.46 16.54
CA LEU A 184 16.40 0.84 17.63
C LEU A 184 16.36 1.74 18.86
N SER A 185 17.52 2.20 19.29
CA SER A 185 17.67 3.06 20.47
C SER A 185 16.71 4.26 20.43
N ASP A 186 16.57 4.87 19.25
CA ASP A 186 15.63 5.97 19.05
C ASP A 186 14.19 5.54 19.33
N ARG A 187 13.74 4.50 18.64
CA ARG A 187 12.39 3.95 18.79
C ARG A 187 12.05 3.54 20.22
N LEU A 188 13.06 3.15 20.99
CA LEU A 188 12.87 2.66 22.35
C LEU A 188 13.12 3.73 23.42
N ASN A 189 13.57 4.91 22.99
CA ASN A 189 13.89 6.03 23.88
C ASN A 189 14.82 5.67 25.06
N LEU A 190 15.59 4.60 24.89
CA LEU A 190 16.61 4.19 25.85
C LEU A 190 17.96 4.04 25.16
N LYS A 191 19.02 4.40 25.88
CA LYS A 191 20.40 4.50 25.35
C LYS A 191 20.91 3.23 24.64
N GLU A 192 21.90 3.43 23.77
CA GLU A 192 22.49 2.35 22.96
C GLU A 192 22.98 1.15 23.77
N ARG A 193 23.62 1.41 24.90
CA ARG A 193 24.12 0.35 25.78
C ARG A 193 22.98 -0.53 26.29
N GLU A 194 21.91 0.11 26.78
CA GLU A 194 20.74 -0.59 27.29
C GLU A 194 19.99 -1.37 26.21
N VAL A 195 20.32 -1.11 24.95
CA VAL A 195 19.77 -1.85 23.82
C VAL A 195 20.62 -3.09 23.55
N ARG A 196 21.94 -2.92 23.60
CA ARG A 196 22.90 -4.00 23.34
C ARG A 196 22.78 -5.16 24.31
N GLU A 197 22.53 -4.85 25.58
CA GLU A 197 22.35 -5.87 26.61
C GLU A 197 20.97 -6.53 26.54
N LYS A 198 19.99 -5.82 25.98
CA LYS A 198 18.69 -6.42 25.67
C LYS A 198 18.83 -7.41 24.52
N ILE A 199 19.70 -7.09 23.57
CA ILE A 199 20.03 -8.00 22.48
C ILE A 199 20.79 -9.22 23.02
N SER A 200 21.71 -8.99 23.97
CA SER A 200 22.44 -10.07 24.62
C SER A 200 21.53 -10.99 25.44
N GLU A 201 20.57 -10.39 26.13
CA GLU A 201 19.60 -11.15 26.94
C GLU A 201 18.68 -12.02 26.09
N MET A 202 18.19 -11.48 24.98
CA MET A 202 17.25 -12.22 24.12
C MET A 202 17.91 -13.30 23.27
N ALA A 203 19.24 -13.30 23.25
CA ALA A 203 20.02 -14.31 22.54
C ALA A 203 19.83 -15.71 23.13
N ARG A 204 19.44 -15.76 24.41
CA ARG A 204 19.12 -17.03 25.08
C ARG A 204 17.92 -17.73 24.43
N PHE A 205 16.96 -16.95 23.95
CA PHE A 205 15.66 -17.47 23.51
C PHE A 205 15.46 -17.40 22.00
N VAL A 206 15.85 -16.27 21.39
CA VAL A 206 15.65 -16.03 19.96
C VAL A 206 16.98 -15.84 19.20
N PRO A 207 17.05 -16.29 17.94
CA PRO A 207 18.28 -16.19 17.14
C PRO A 207 18.63 -14.77 16.64
N VAL A 208 18.78 -13.83 17.57
CA VAL A 208 19.23 -12.47 17.24
C VAL A 208 20.77 -12.43 17.28
N LYS A 209 21.37 -11.55 16.48
CA LYS A 209 22.82 -11.38 16.46
C LYS A 209 23.25 -9.97 16.04
N ILE A 210 24.37 -9.53 16.59
CA ILE A 210 25.00 -8.28 16.15
C ILE A 210 26.14 -8.58 15.18
N ILE A 211 25.81 -8.52 13.89
CA ILE A 211 26.80 -8.60 12.81
C ILE A 211 27.45 -7.24 12.63
N ASN A 212 28.48 -7.17 11.78
CA ASN A 212 29.29 -5.97 11.63
C ASN A 212 29.71 -5.48 13.03
N ASP A 213 29.36 -4.24 13.35
CA ASP A 213 29.65 -3.70 14.68
C ASP A 213 28.41 -3.05 15.29
N ASN A 214 27.40 -2.80 14.47
CA ASN A 214 26.17 -2.15 14.92
C ASN A 214 24.89 -2.65 14.24
N THR A 215 25.02 -3.59 13.30
CA THR A 215 23.86 -4.13 12.58
C THR A 215 23.20 -5.26 13.36
N VAL A 216 21.94 -5.06 13.74
CA VAL A 216 21.19 -6.08 14.44
C VAL A 216 20.27 -6.80 13.47
N VAL A 217 20.50 -8.09 13.30
CA VAL A 217 19.72 -8.89 12.36
C VAL A 217 19.31 -10.23 12.99
N LEU A 218 18.25 -10.82 12.47
CA LEU A 218 17.86 -12.17 12.84
C LEU A 218 18.64 -13.18 12.00
N ASP A 219 18.88 -14.34 12.59
CA ASP A 219 19.69 -15.38 11.96
C ASP A 219 18.83 -16.25 11.04
N GLU A 220 18.52 -15.71 9.86
CA GLU A 220 17.69 -16.37 8.85
C GLU A 220 18.02 -17.86 8.70
N ASP A 221 19.31 -18.16 8.57
CA ASP A 221 19.81 -19.51 8.31
C ASP A 221 19.31 -20.53 9.35
N GLN A 222 19.54 -20.20 10.62
CA GLN A 222 19.11 -21.05 11.75
C GLN A 222 17.59 -21.17 11.86
N ILE A 223 16.89 -20.05 11.67
CA ILE A 223 15.43 -19.99 11.82
C ILE A 223 14.70 -20.90 10.83
N LEU A 224 15.21 -20.98 9.60
CA LEU A 224 14.60 -21.81 8.55
C LEU A 224 15.60 -22.79 7.93
N GLU B 2 12.77 9.34 -0.09
CA GLU B 2 12.99 10.80 -0.34
C GLU B 2 11.67 11.61 -0.40
N PRO B 3 10.80 11.33 -1.39
CA PRO B 3 9.50 12.00 -1.40
C PRO B 3 8.55 11.39 -0.36
N ASP B 4 8.02 12.23 0.53
CA ASP B 4 7.06 11.78 1.54
C ASP B 4 5.66 11.62 0.92
N LEU B 5 5.47 10.49 0.23
CA LEU B 5 4.21 10.20 -0.46
C LEU B 5 3.00 10.17 0.48
N PHE B 6 3.19 9.68 1.70
CA PHE B 6 2.12 9.65 2.69
C PHE B 6 1.56 11.03 2.96
N TYR B 7 2.45 12.00 3.15
CA TYR B 7 2.05 13.39 3.27
C TYR B 7 1.32 13.86 2.02
N ILE B 8 1.85 13.56 0.84
CA ILE B 8 1.25 13.98 -0.44
C ILE B 8 -0.17 13.46 -0.63
N LEU B 9 -0.34 12.16 -0.45
CA LEU B 9 -1.66 11.53 -0.61
C LEU B 9 -2.60 11.80 0.56
N GLY B 10 -2.08 12.45 1.61
CA GLY B 10 -2.86 12.77 2.80
C GLY B 10 -4.06 13.67 2.56
N ASN B 11 -4.05 14.37 1.43
CA ASN B 11 -5.06 15.37 1.11
C ASN B 11 -5.94 14.98 -0.09
N LYS B 12 -7.24 14.90 0.15
CA LYS B 12 -8.25 14.57 -0.87
C LYS B 12 -8.09 15.28 -2.22
N VAL B 13 -7.82 16.58 -2.17
CA VAL B 13 -7.63 17.39 -3.38
C VAL B 13 -6.39 16.93 -4.15
N ARG B 14 -5.25 16.85 -3.47
CA ARG B 14 -4.02 16.36 -4.09
C ARG B 14 -4.26 15.00 -4.71
N ARG B 15 -5.04 14.16 -4.02
CA ARG B 15 -5.32 12.82 -4.50
C ARG B 15 -6.13 12.87 -5.79
N ASP B 16 -7.01 13.86 -5.88
CA ASP B 16 -7.86 14.06 -7.04
C ASP B 16 -7.09 14.70 -8.18
N LEU B 17 -6.14 15.56 -7.83
CA LEU B 17 -5.21 16.14 -8.79
C LEU B 17 -4.37 15.07 -9.48
N LEU B 18 -3.75 14.19 -8.70
CA LEU B 18 -2.87 13.15 -9.23
C LEU B 18 -3.59 12.13 -10.13
N SER B 19 -4.87 11.91 -9.86
CA SER B 19 -5.67 11.01 -10.70
C SER B 19 -6.00 11.63 -12.07
N HIS B 20 -5.99 12.96 -12.14
CA HIS B 20 -6.14 13.65 -13.41
C HIS B 20 -4.78 13.82 -14.09
N LEU B 21 -3.79 14.27 -13.32
CA LEU B 21 -2.45 14.57 -13.81
C LEU B 21 -1.71 13.41 -14.48
N THR B 22 -2.17 12.18 -14.24
CA THR B 22 -1.56 11.02 -14.87
C THR B 22 -2.20 10.72 -16.23
N ALA B 23 -3.30 11.41 -16.55
CA ALA B 23 -3.91 11.32 -17.86
C ALA B 23 -4.37 12.68 -18.37
N MET B 24 -3.42 13.59 -18.55
CA MET B 24 -3.74 14.91 -19.11
C MET B 24 -4.02 14.86 -20.61
N GLU B 25 -3.61 13.75 -21.24
CA GLU B 25 -4.00 13.43 -22.62
C GLU B 25 -5.51 13.28 -22.69
N ALA B 26 -6.10 12.70 -21.63
CA ALA B 26 -7.51 12.34 -21.60
C ALA B 26 -8.41 13.38 -20.93
N TYR B 27 -7.93 14.00 -19.85
CA TYR B 27 -8.75 14.92 -19.05
C TYR B 27 -8.65 16.38 -19.50
N PHE B 28 -9.78 17.07 -19.49
CA PHE B 28 -9.82 18.48 -19.88
C PHE B 28 -9.46 19.39 -18.70
N SER B 29 -9.77 18.96 -17.48
CA SER B 29 -9.45 19.71 -16.27
C SER B 29 -8.71 18.82 -15.29
N LEU B 30 -8.29 19.41 -14.16
CA LEU B 30 -7.49 18.70 -13.16
C LEU B 30 -8.30 18.19 -11.97
N LEU B 31 -9.55 18.65 -11.85
CA LEU B 31 -10.39 18.34 -10.70
C LEU B 31 -11.75 17.75 -11.05
N SER B 32 -12.29 16.96 -10.13
CA SER B 32 -13.69 16.52 -10.19
C SER B 32 -14.58 17.71 -9.86
N SER B 33 -15.75 17.77 -10.47
CA SER B 33 -16.68 18.89 -10.31
C SER B 33 -17.13 19.09 -8.85
N LYS B 34 -17.23 17.99 -8.10
CA LYS B 34 -17.66 18.02 -6.70
C LYS B 34 -16.63 18.67 -5.76
N VAL B 35 -15.36 18.32 -5.94
CA VAL B 35 -14.27 18.94 -5.18
C VAL B 35 -14.10 20.41 -5.59
N SER B 36 -15.12 21.20 -5.26
CA SER B 36 -15.17 22.64 -5.52
C SER B 36 -14.15 23.37 -4.64
N VAL B 37 -13.01 23.73 -5.23
CA VAL B 37 -11.89 24.30 -4.48
C VAL B 37 -11.30 25.50 -5.21
N SER B 38 -11.15 26.61 -4.47
CA SER B 38 -10.63 27.88 -5.02
C SER B 38 -9.35 27.71 -5.83
N SER B 39 -9.25 28.47 -6.92
CA SER B 39 -8.13 28.36 -7.87
C SER B 39 -6.79 28.80 -7.29
N THR B 40 -6.81 29.44 -6.12
CA THR B 40 -5.58 29.79 -5.41
C THR B 40 -5.12 28.60 -4.57
N ALA B 41 -6.08 27.85 -4.05
CA ALA B 41 -5.79 26.65 -3.27
C ALA B 41 -5.23 25.54 -4.16
N VAL B 42 -5.83 25.35 -5.34
CA VAL B 42 -5.33 24.40 -6.34
C VAL B 42 -3.87 24.69 -6.62
N ALA B 43 -3.54 25.97 -6.81
CA ALA B 43 -2.18 26.43 -7.09
C ALA B 43 -1.20 26.07 -5.98
N LYS B 44 -1.69 26.07 -4.73
CA LYS B 44 -0.85 25.77 -3.58
C LYS B 44 -0.50 24.28 -3.50
N HIS B 45 -1.50 23.43 -3.70
CA HIS B 45 -1.29 21.97 -3.70
C HIS B 45 -0.27 21.55 -4.76
N LEU B 46 -0.34 22.19 -5.93
CA LEU B 46 0.59 21.93 -7.01
C LEU B 46 2.01 22.31 -6.62
N LYS B 47 2.13 23.36 -5.82
CA LYS B 47 3.42 23.82 -5.33
C LYS B 47 3.95 22.88 -4.25
N ILE B 48 3.07 22.46 -3.34
CA ILE B 48 3.41 21.55 -2.25
C ILE B 48 3.92 20.22 -2.79
N MET B 49 3.32 19.77 -3.89
CA MET B 49 3.75 18.54 -4.55
C MET B 49 5.07 18.75 -5.28
N GLU B 50 5.25 19.94 -5.84
CA GLU B 50 6.49 20.27 -6.55
C GLU B 50 7.65 20.43 -5.57
N ARG B 51 7.34 21.02 -4.41
CA ARG B 51 8.31 21.21 -3.32
C ARG B 51 8.85 19.87 -2.80
N GLU B 52 8.11 18.79 -3.07
CA GLU B 52 8.42 17.46 -2.53
C GLU B 52 9.16 16.54 -3.51
N GLY B 53 8.97 16.76 -4.81
CA GLY B 53 9.64 15.96 -5.84
C GLY B 53 8.73 14.91 -6.47
N VAL B 54 7.44 15.24 -6.55
CA VAL B 54 6.44 14.37 -7.16
C VAL B 54 6.11 14.91 -8.55
N LEU B 55 6.03 16.24 -8.67
CA LEU B 55 5.72 16.89 -9.95
C LEU B 55 6.93 17.58 -10.60
N GLN B 56 6.78 17.96 -11.86
CA GLN B 56 7.79 18.66 -12.65
C GLN B 56 7.17 19.15 -13.95
N SER B 57 7.23 20.47 -14.18
CA SER B 57 6.76 21.06 -15.44
C SER B 57 7.78 20.81 -16.56
N TYR B 71 1.78 23.48 -17.17
CA TYR B 71 1.57 22.08 -17.51
C TYR B 71 2.52 21.16 -16.72
N TYR B 72 1.95 20.47 -15.72
CA TYR B 72 2.72 19.68 -14.77
C TYR B 72 2.79 18.20 -15.14
N LYS B 73 3.93 17.57 -14.84
CA LYS B 73 4.15 16.14 -15.09
C LYS B 73 4.69 15.44 -13.83
N ILE B 74 4.31 14.18 -13.66
CA ILE B 74 4.75 13.40 -12.50
C ILE B 74 6.23 13.02 -12.67
N SER B 75 7.03 13.30 -11.64
CA SER B 75 8.47 13.07 -11.70
C SER B 75 8.97 11.87 -10.88
N ILE B 76 8.06 10.95 -10.53
CA ILE B 76 8.42 9.66 -9.91
C ILE B 76 7.63 8.49 -10.48
N ALA B 77 8.15 7.28 -10.30
CA ALA B 77 7.43 6.06 -10.65
C ALA B 77 7.55 5.05 -9.50
N LYS B 78 6.69 5.19 -8.50
CA LYS B 78 6.75 4.33 -7.32
C LYS B 78 5.44 3.61 -6.99
N SER B 79 5.58 2.47 -6.33
CA SER B 79 4.47 1.76 -5.71
C SER B 79 4.75 1.64 -4.22
N TYR B 80 3.71 1.78 -3.41
CA TYR B 80 3.83 1.49 -1.99
C TYR B 80 2.90 0.37 -1.58
N VAL B 81 3.11 -0.09 -0.36
CA VAL B 81 2.33 -1.16 0.24
C VAL B 81 2.36 -0.85 1.74
N PHE B 82 1.20 -0.91 2.40
CA PHE B 82 1.20 -0.75 3.85
C PHE B 82 0.12 -1.53 4.58
N THR B 83 0.34 -1.74 5.87
CA THR B 83 -0.54 -2.54 6.69
C THR B 83 -0.79 -1.89 8.03
N LEU B 84 -2.05 -1.86 8.45
CA LEU B 84 -2.42 -1.38 9.77
C LEU B 84 -3.36 -2.37 10.45
N THR B 85 -2.81 -3.19 11.35
CA THR B 85 -3.60 -4.08 12.19
C THR B 85 -3.19 -3.86 13.64
N PRO B 86 -3.98 -4.37 14.63
CA PRO B 86 -3.60 -4.14 16.02
C PRO B 86 -2.22 -4.70 16.41
N GLU B 87 -1.67 -5.60 15.61
CA GLU B 87 -0.36 -6.21 15.90
C GLU B 87 0.76 -5.68 15.00
N MET B 88 0.41 -4.90 13.97
CA MET B 88 1.34 -4.54 12.89
C MET B 88 1.13 -3.16 12.27
N PHE B 89 2.22 -2.45 12.06
CA PHE B 89 2.26 -1.30 11.15
C PHE B 89 3.58 -1.22 10.42
N TRP B 90 3.51 -1.35 9.10
CA TRP B 90 4.68 -1.26 8.26
C TRP B 90 4.29 -0.76 6.87
N TYR B 91 5.24 -0.15 6.18
CA TYR B 91 5.06 0.30 4.81
C TYR B 91 6.36 0.14 4.04
N LYS B 92 6.27 -0.08 2.74
CA LYS B 92 7.46 -0.29 1.92
C LYS B 92 7.28 0.32 0.53
N GLY B 93 8.19 1.23 0.19
CA GLY B 93 8.18 1.90 -1.10
C GLY B 93 9.06 1.21 -2.13
N LEU B 94 8.49 0.92 -3.29
CA LEU B 94 9.18 0.21 -4.36
C LEU B 94 9.41 1.11 -5.56
N ASP B 95 10.62 1.03 -6.13
CA ASP B 95 10.98 1.73 -7.36
C ASP B 95 10.62 0.86 -8.56
N LEU B 96 10.08 1.48 -9.60
CA LEU B 96 9.63 0.74 -10.77
C LEU B 96 10.59 0.95 -11.95
N GLY B 97 10.13 0.66 -13.17
CA GLY B 97 10.91 0.88 -14.38
C GLY B 97 11.28 -0.42 -15.10
N ASP B 98 12.55 -0.81 -14.99
CA ASP B 98 13.04 -2.05 -15.60
C ASP B 98 12.80 -3.25 -14.67
N ALA B 99 11.74 -3.98 -14.95
CA ALA B 99 11.43 -5.21 -14.21
C ALA B 99 11.28 -6.37 -15.18
N GLU B 100 12.15 -7.37 -15.00
CA GLU B 100 12.24 -8.52 -15.89
C GLU B 100 11.05 -9.45 -15.65
N LEU B 101 10.34 -9.79 -16.74
CA LEU B 101 9.17 -10.66 -16.65
C LEU B 101 9.55 -12.09 -16.25
N ARG B 102 9.45 -12.37 -14.96
CA ARG B 102 9.67 -13.72 -14.44
C ARG B 102 8.35 -14.27 -13.93
N ASP B 103 8.38 -15.51 -13.44
CA ASP B 103 7.20 -16.11 -12.82
C ASP B 103 7.39 -16.30 -11.33
N PHE B 104 6.32 -16.12 -10.58
CA PHE B 104 6.38 -16.17 -9.13
C PHE B 104 5.41 -17.20 -8.56
N GLU B 105 5.90 -18.02 -7.64
CA GLU B 105 5.07 -18.96 -6.91
C GLU B 105 4.97 -18.54 -5.46
N ILE B 106 3.73 -18.32 -5.00
CA ILE B 106 3.48 -17.93 -3.63
C ILE B 106 2.90 -19.12 -2.88
N SER B 107 3.76 -19.83 -2.16
CA SER B 107 3.41 -21.06 -1.48
C SER B 107 3.08 -20.81 -0.02
N LEU B 108 1.79 -20.91 0.30
CA LEU B 108 1.29 -20.62 1.63
C LEU B 108 0.50 -21.77 2.22
N SER B 109 0.47 -22.89 1.49
CA SER B 109 -0.41 -24.03 1.79
C SER B 109 -0.40 -24.58 3.23
N GLY B 110 0.76 -24.82 3.84
CA GLY B 110 2.10 -24.49 3.35
C GLY B 110 2.87 -23.91 4.53
N LEU B 111 2.10 -23.51 5.53
CA LEU B 111 2.58 -22.93 6.78
C LEU B 111 1.60 -23.44 7.80
N ASP B 112 2.05 -23.78 9.01
CA ASP B 112 1.13 -24.32 10.01
C ASP B 112 0.36 -23.24 10.79
N THR B 113 -0.88 -23.56 11.13
CA THR B 113 -1.80 -22.62 11.80
C THR B 113 -1.80 -22.81 13.33
N GLU B 114 -1.27 -23.95 13.78
CA GLU B 114 -1.14 -24.22 15.22
C GLU B 114 0.31 -24.47 15.58
N PRO B 115 1.12 -23.39 15.72
CA PRO B 115 2.48 -23.57 16.23
C PRO B 115 2.49 -23.59 17.76
N SER B 116 3.43 -24.33 18.33
CA SER B 116 3.50 -24.51 19.78
C SER B 116 4.64 -23.73 20.41
N THR B 117 5.85 -23.89 19.85
CA THR B 117 7.06 -23.26 20.37
C THR B 117 7.31 -21.85 19.83
N LEU B 118 7.93 -21.01 20.64
CA LEU B 118 8.31 -19.66 20.25
C LEU B 118 9.29 -19.65 19.07
N LYS B 119 10.22 -20.61 19.07
CA LYS B 119 11.15 -20.80 17.94
C LYS B 119 10.43 -21.23 16.67
N GLU B 120 9.35 -22.00 16.85
CA GLU B 120 8.53 -22.50 15.75
C GLU B 120 7.69 -21.37 15.11
N MET B 121 7.26 -20.42 15.94
CA MET B 121 6.49 -19.26 15.48
C MET B 121 7.33 -18.29 14.65
N ILE B 122 8.58 -18.10 15.06
CA ILE B 122 9.52 -17.26 14.33
C ILE B 122 9.94 -17.95 13.02
N THR B 123 10.01 -19.28 13.05
CA THR B 123 10.28 -20.06 11.85
C THR B 123 9.23 -19.75 10.79
N ASP B 124 7.98 -19.65 11.23
CA ASP B 124 6.85 -19.38 10.34
C ASP B 124 6.81 -17.94 9.84
N PHE B 125 7.18 -16.99 10.69
CA PHE B 125 7.15 -15.57 10.34
C PHE B 125 8.15 -15.23 9.25
N ILE B 126 9.37 -15.76 9.37
CA ILE B 126 10.41 -15.56 8.37
C ILE B 126 10.06 -16.31 7.08
N LYS B 127 9.36 -17.43 7.22
CA LYS B 127 8.82 -18.17 6.07
C LYS B 127 7.70 -17.39 5.38
N ALA B 128 6.93 -16.64 6.15
CA ALA B 128 5.94 -15.72 5.58
C ALA B 128 6.65 -14.53 4.94
N ASN B 129 7.63 -13.98 5.66
CA ASN B 129 8.45 -12.89 5.15
C ASN B 129 9.10 -13.21 3.79
N LYS B 130 9.51 -14.46 3.62
CA LYS B 130 10.13 -14.88 2.35
C LYS B 130 9.12 -14.89 1.21
N GLU B 131 7.86 -15.21 1.54
CA GLU B 131 6.77 -15.20 0.57
C GLU B 131 6.37 -13.78 0.20
N LEU B 132 6.38 -12.89 1.19
CA LEU B 132 6.07 -11.49 0.98
C LEU B 132 7.05 -10.84 0.00
N GLU B 133 8.34 -11.15 0.15
CA GLU B 133 9.36 -10.68 -0.78
C GLU B 133 8.98 -11.01 -2.22
N LYS B 134 8.61 -12.27 -2.45
CA LYS B 134 8.09 -12.71 -3.74
C LYS B 134 6.94 -11.80 -4.18
N VAL B 135 5.86 -11.78 -3.41
CA VAL B 135 4.68 -10.94 -3.66
C VAL B 135 5.08 -9.51 -4.06
N LEU B 136 5.98 -8.92 -3.28
CA LEU B 136 6.44 -7.56 -3.54
C LEU B 136 7.14 -7.44 -4.89
N GLU B 137 7.85 -8.50 -5.29
CA GLU B 137 8.54 -8.50 -6.57
C GLU B 137 7.60 -8.70 -7.75
N ALA B 138 6.56 -9.50 -7.54
CA ALA B 138 5.52 -9.66 -8.55
C ALA B 138 4.85 -8.32 -8.76
N PHE B 139 4.42 -7.71 -7.65
CA PHE B 139 3.74 -6.42 -7.67
C PHE B 139 4.52 -5.36 -8.45
N LYS B 140 5.81 -5.19 -8.12
CA LYS B 140 6.70 -4.26 -8.81
C LYS B 140 6.84 -4.57 -10.29
N THR B 141 6.95 -5.86 -10.62
CA THR B 141 6.97 -6.29 -12.01
C THR B 141 5.67 -5.84 -12.69
N ILE B 142 4.53 -6.28 -12.15
CA ILE B 142 3.19 -5.99 -12.68
C ILE B 142 3.01 -4.49 -12.97
N GLU B 143 3.40 -3.66 -12.01
CA GLU B 143 3.23 -2.21 -12.11
C GLU B 143 4.10 -1.58 -13.17
N SER B 144 5.38 -1.97 -13.21
CA SER B 144 6.28 -1.55 -14.27
C SER B 144 5.67 -1.89 -15.62
N TYR B 145 5.29 -3.15 -15.79
CA TYR B 145 4.64 -3.59 -17.03
C TYR B 145 3.40 -2.74 -17.32
N ARG B 146 2.47 -2.67 -16.38
CA ARG B 146 1.22 -1.96 -16.58
C ARG B 146 1.43 -0.50 -16.96
N SER B 147 2.32 0.18 -16.25
CA SER B 147 2.58 1.60 -16.50
C SER B 147 3.07 1.84 -17.93
N SER B 148 4.04 1.03 -18.37
CA SER B 148 4.53 1.08 -19.75
C SER B 148 3.38 0.91 -20.73
N LEU B 149 2.64 -0.18 -20.57
CA LEU B 149 1.54 -0.50 -21.48
C LEU B 149 0.47 0.58 -21.49
N MET B 150 0.31 1.26 -20.34
CA MET B 150 -0.64 2.36 -20.22
C MET B 150 -0.28 3.52 -21.16
N ARG B 151 1.00 3.88 -21.18
CA ARG B 151 1.52 4.90 -22.08
C ARG B 151 1.25 4.54 -23.55
N LYS B 152 1.58 3.29 -23.90
CA LYS B 152 1.32 2.77 -25.24
C LYS B 152 -0.16 2.87 -25.59
N ILE B 153 -1.02 2.42 -24.69
CA ILE B 153 -2.48 2.50 -24.91
C ILE B 153 -2.91 3.94 -25.23
N LYS B 154 -2.32 4.90 -24.52
CA LYS B 154 -2.67 6.31 -24.69
C LYS B 154 -2.39 6.83 -26.11
N GLU B 155 -1.11 6.79 -26.52
CA GLU B 155 -0.72 7.16 -27.88
C GLU B 155 -1.67 6.52 -28.88
N ALA B 156 -1.76 5.19 -28.80
CA ALA B 156 -2.57 4.41 -29.73
C ALA B 156 -4.04 4.83 -29.79
N TYR B 157 -4.65 5.11 -28.63
CA TYR B 157 -6.06 5.50 -28.64
C TYR B 157 -6.26 6.81 -29.40
N LEU B 158 -5.39 7.78 -29.14
CA LEU B 158 -5.43 9.07 -29.84
C LEU B 158 -4.84 8.97 -31.25
N LYS B 159 -4.26 7.81 -31.58
CA LYS B 159 -3.63 7.56 -32.87
C LYS B 159 -4.49 6.69 -33.78
N GLU B 160 -5.71 6.36 -33.35
CA GLU B 160 -6.56 5.41 -34.07
C GLU B 160 -8.04 5.85 -34.13
N ILE B 161 -8.53 6.44 -33.05
CA ILE B 161 -9.90 6.98 -33.03
C ILE B 161 -9.98 8.39 -32.44
N GLY B 162 -8.87 8.84 -31.85
CA GLY B 162 -8.66 10.25 -31.52
C GLY B 162 -9.55 10.96 -30.50
N ASP B 163 -10.47 10.23 -29.87
CA ASP B 163 -11.32 10.83 -28.83
C ASP B 163 -10.74 10.67 -27.43
N MET B 164 -10.31 11.80 -26.87
CA MET B 164 -9.98 11.89 -25.46
C MET B 164 -11.27 11.64 -24.70
N THR B 165 -11.26 11.74 -23.37
CA THR B 165 -12.47 11.45 -22.56
C THR B 165 -12.99 10.00 -22.69
N GLN B 166 -13.18 9.54 -23.93
CA GLN B 166 -13.33 8.10 -24.19
C GLN B 166 -12.10 7.36 -23.72
N LEU B 167 -10.94 7.93 -23.97
CA LEU B 167 -9.70 7.40 -23.43
C LEU B 167 -9.72 7.52 -21.91
N ALA B 168 -10.23 8.64 -21.40
CA ALA B 168 -10.29 8.88 -19.96
C ALA B 168 -11.16 7.84 -19.26
N ILE B 169 -12.29 7.52 -19.88
CA ILE B 169 -13.15 6.46 -19.39
C ILE B 169 -12.39 5.14 -19.41
N LEU B 170 -11.72 4.84 -20.51
CA LEU B 170 -10.95 3.61 -20.65
C LEU B 170 -9.82 3.54 -19.63
N HIS B 171 -9.21 4.68 -19.38
CA HIS B 171 -8.09 4.79 -18.46
C HIS B 171 -8.54 4.45 -17.04
N TYR B 172 -9.67 5.03 -16.63
CA TYR B 172 -10.18 4.84 -15.28
C TYR B 172 -10.68 3.42 -15.01
N LEU B 173 -11.31 2.79 -16.00
CA LEU B 173 -11.84 1.43 -15.84
C LEU B 173 -10.73 0.37 -15.76
N LEU B 174 -9.67 0.56 -16.53
CA LEU B 174 -8.53 -0.37 -16.53
C LEU B 174 -7.84 -0.40 -15.18
N LEU B 175 -7.72 0.78 -14.57
CA LEU B 175 -7.10 0.92 -13.25
C LEU B 175 -8.03 0.58 -12.07
N ASN B 176 -9.33 0.81 -12.21
CA ASN B 176 -10.28 0.66 -11.09
C ASN B 176 -11.51 -0.23 -11.30
N GLY B 177 -11.51 -1.06 -12.34
CA GLY B 177 -12.53 -2.09 -12.53
C GLY B 177 -13.90 -1.62 -12.94
N ARG B 178 -14.48 -0.69 -12.16
CA ARG B 178 -15.84 -0.18 -12.40
C ARG B 178 -16.01 1.27 -11.94
N ALA B 179 -17.06 1.92 -12.45
CA ALA B 179 -17.44 3.27 -12.02
C ALA B 179 -18.89 3.55 -12.42
N THR B 180 -19.63 4.27 -11.57
CA THR B 180 -20.98 4.66 -11.95
C THR B 180 -20.93 5.83 -12.94
N VAL B 181 -21.96 5.94 -13.77
CA VAL B 181 -22.16 7.05 -14.71
C VAL B 181 -21.97 8.38 -13.98
N GLU B 182 -22.62 8.49 -12.82
CA GLU B 182 -22.49 9.64 -11.92
C GLU B 182 -21.03 9.94 -11.53
N GLU B 183 -20.28 8.89 -11.19
CA GLU B 183 -18.86 9.03 -10.84
C GLU B 183 -18.02 9.55 -12.02
N LEU B 184 -18.26 9.00 -13.21
CA LEU B 184 -17.56 9.42 -14.42
C LEU B 184 -17.91 10.86 -14.78
N SER B 185 -19.20 11.17 -14.74
CA SER B 185 -19.70 12.52 -15.00
C SER B 185 -19.05 13.54 -14.08
N ASP B 186 -18.84 13.14 -12.84
CA ASP B 186 -18.21 13.99 -11.85
C ASP B 186 -16.77 14.35 -12.22
N ARG B 187 -15.95 13.33 -12.49
CA ARG B 187 -14.52 13.58 -12.71
C ARG B 187 -14.16 14.06 -14.13
N LEU B 188 -15.10 13.93 -15.06
CA LEU B 188 -14.91 14.43 -16.42
C LEU B 188 -15.47 15.84 -16.58
N ASN B 189 -16.19 16.31 -15.57
CA ASN B 189 -16.92 17.59 -15.61
C ASN B 189 -17.91 17.67 -16.78
N LEU B 190 -18.48 16.52 -17.14
CA LEU B 190 -19.47 16.43 -18.20
C LEU B 190 -20.85 16.04 -17.65
N LYS B 191 -21.89 16.44 -18.37
CA LYS B 191 -23.26 16.01 -18.06
C LYS B 191 -23.38 14.50 -18.24
N GLU B 192 -24.31 13.89 -17.51
CA GLU B 192 -24.48 12.44 -17.52
C GLU B 192 -24.88 11.89 -18.89
N ARG B 193 -25.72 12.65 -19.61
CA ARG B 193 -26.13 12.30 -20.97
C ARG B 193 -24.93 12.25 -21.92
N GLU B 194 -24.03 13.21 -21.75
CA GLU B 194 -22.78 13.26 -22.51
C GLU B 194 -21.92 12.02 -22.26
N VAL B 195 -21.76 11.65 -20.99
CA VAL B 195 -21.01 10.44 -20.61
C VAL B 195 -21.65 9.21 -21.24
N ARG B 196 -22.99 9.13 -21.17
CA ARG B 196 -23.73 8.02 -21.73
C ARG B 196 -23.51 7.95 -23.24
N GLU B 197 -23.47 9.12 -23.88
CA GLU B 197 -23.19 9.23 -25.30
C GLU B 197 -21.79 8.70 -25.64
N LYS B 198 -20.78 9.18 -24.89
CA LYS B 198 -19.39 8.77 -25.12
C LYS B 198 -19.16 7.26 -24.96
N ILE B 199 -19.92 6.64 -24.07
CA ILE B 199 -19.87 5.18 -23.84
C ILE B 199 -20.46 4.41 -25.02
N SER B 200 -21.53 4.96 -25.62
CA SER B 200 -22.13 4.40 -26.84
C SER B 200 -21.13 4.39 -28.00
N GLU B 201 -20.58 5.56 -28.32
CA GLU B 201 -19.58 5.69 -29.38
C GLU B 201 -18.38 4.78 -29.10
N MET B 202 -18.03 4.68 -27.83
CA MET B 202 -16.91 3.87 -27.36
C MET B 202 -17.13 2.38 -27.58
N ALA B 203 -18.38 1.93 -27.37
CA ALA B 203 -18.72 0.51 -27.41
C ALA B 203 -18.24 -0.24 -28.67
N ARG B 204 -18.38 0.40 -29.83
CA ARG B 204 -18.00 -0.23 -31.11
C ARG B 204 -16.49 -0.23 -31.40
N PHE B 205 -15.69 0.19 -30.41
CA PHE B 205 -14.24 0.16 -30.52
C PHE B 205 -13.60 -0.70 -29.42
N VAL B 206 -14.23 -0.70 -28.24
CA VAL B 206 -13.76 -1.47 -27.09
C VAL B 206 -14.97 -1.90 -26.25
N PRO B 207 -15.03 -3.20 -25.84
CA PRO B 207 -16.18 -3.73 -25.11
C PRO B 207 -16.39 -3.15 -23.70
N VAL B 208 -16.91 -1.92 -23.66
CA VAL B 208 -17.43 -1.32 -22.44
C VAL B 208 -18.87 -1.81 -22.30
N LYS B 209 -19.36 -1.85 -21.07
CA LYS B 209 -20.67 -2.42 -20.78
C LYS B 209 -21.33 -1.70 -19.61
N ILE B 210 -22.55 -1.24 -19.82
CA ILE B 210 -23.36 -0.66 -18.74
C ILE B 210 -24.21 -1.73 -18.10
N ILE B 211 -24.06 -1.89 -16.78
CA ILE B 211 -24.88 -2.84 -16.03
C ILE B 211 -25.78 -2.10 -15.04
N ASN B 212 -27.06 -2.45 -15.05
CA ASN B 212 -28.10 -1.77 -14.26
C ASN B 212 -28.26 -0.28 -14.58
N ASP B 213 -28.01 0.09 -15.84
CA ASP B 213 -28.07 1.48 -16.30
C ASP B 213 -27.55 2.53 -15.30
N ASN B 214 -26.44 2.21 -14.64
CA ASN B 214 -25.68 3.18 -13.85
C ASN B 214 -24.22 2.78 -13.63
N THR B 215 -23.91 1.49 -13.76
CA THR B 215 -22.56 0.97 -13.49
C THR B 215 -21.82 0.66 -14.79
N VAL B 216 -20.75 1.41 -15.03
CA VAL B 216 -19.91 1.22 -16.22
C VAL B 216 -18.78 0.25 -15.89
N VAL B 217 -18.63 -0.76 -16.73
CA VAL B 217 -17.65 -1.81 -16.53
C VAL B 217 -17.11 -2.28 -17.88
N LEU B 218 -15.95 -2.94 -17.88
CA LEU B 218 -15.42 -3.59 -19.08
C LEU B 218 -15.85 -5.05 -19.09
N ASP B 219 -15.95 -5.63 -20.29
CA ASP B 219 -16.20 -7.05 -20.40
C ASP B 219 -14.87 -7.77 -20.57
N GLU B 220 -14.32 -8.22 -19.43
CA GLU B 220 -13.05 -8.93 -19.43
C GLU B 220 -13.10 -10.25 -20.20
N ASP B 221 -14.28 -10.85 -20.29
CA ASP B 221 -14.48 -12.10 -21.05
C ASP B 221 -14.29 -11.89 -22.55
N GLN B 222 -15.03 -10.92 -23.11
CA GLN B 222 -14.92 -10.56 -24.53
C GLN B 222 -13.52 -10.06 -24.89
N ILE B 223 -12.86 -9.40 -23.94
CA ILE B 223 -11.48 -8.93 -24.12
C ILE B 223 -10.49 -10.11 -24.09
N LEU B 224 -10.75 -11.08 -23.23
CA LEU B 224 -9.92 -12.29 -23.14
C LEU B 224 -10.45 -13.40 -24.06
#